data_4IQD
#
_entry.id   4IQD
#
_cell.length_a   105.543
_cell.length_b   105.543
_cell.length_c   114.684
_cell.angle_alpha   90.00
_cell.angle_beta   90.00
_cell.angle_gamma   120.00
#
_symmetry.space_group_name_H-M   'P 32 2 1'
#
loop_
_entity.id
_entity.type
_entity.pdbx_description
1 polymer 'Carboxyvinyl-carboxyphosphonate phosphorylmutase'
2 non-polymer 'PYRUVIC ACID'
3 water water
#
_entity_poly.entity_id   1
_entity_poly.type   'polypeptide(L)'
_entity_poly.pdbx_seq_one_letter_code
;SNA(MSE)AWVVNKQSTQEELANRFRALVEANEILQIPGAHDA(MSE)AALVARNTGFLALYLSGAAYTASKGLPDLGIV
TSTEVAERARDLVRATDLPVLVDIDTGFGGVLNVARTAVE(MSE)VEAKVAAVQIEDQQLPKKCGHLNGKKLVTTEELVQ
KIKAIKEVAPSLYIVARTDARGVEGLDEAIERANAYVKAGADAIFPEALQSEEEFRLFNSKVNAPLLAN(MSE)TEFGKT
PYYSAEEFAN(MSE)GFQ(MSE)VIYPVTSLRVAAKAYENVFTLIKETGSQKDALSN(MSE)QTRSELYETISYHDFEEL
DTGIAKTVLSEDQ
;
_entity_poly.pdbx_strand_id   A,B
#
# COMPACT_ATOMS: atom_id res chain seq x y z
N ASN A 9 -15.12 14.63 -13.14
CA ASN A 9 -14.36 13.42 -13.49
C ASN A 9 -14.83 12.82 -14.81
N LYS A 10 -13.92 12.15 -15.50
CA LYS A 10 -14.21 11.55 -16.81
C LYS A 10 -13.68 10.13 -16.95
N GLN A 11 -14.04 9.27 -16.01
CA GLN A 11 -13.61 7.87 -16.05
C GLN A 11 -14.12 7.16 -17.31
N SER A 12 -13.49 6.02 -17.63
CA SER A 12 -13.91 5.20 -18.76
C SER A 12 -14.78 4.05 -18.26
N THR A 13 -15.44 3.36 -19.17
CA THR A 13 -16.15 2.14 -18.80
C THR A 13 -15.21 0.94 -18.90
N GLN A 14 -15.58 -0.16 -18.27
CA GLN A 14 -14.75 -1.36 -18.31
C GLN A 14 -14.56 -1.82 -19.74
N GLU A 15 -15.63 -1.79 -20.52
CA GLU A 15 -15.56 -2.29 -21.88
C GLU A 15 -14.67 -1.39 -22.73
N GLU A 16 -14.63 -0.10 -22.39
CA GLU A 16 -13.70 0.81 -23.03
C GLU A 16 -12.28 0.45 -22.61
N LEU A 17 -12.11 0.09 -21.35
CA LEU A 17 -10.79 -0.21 -20.81
C LEU A 17 -10.20 -1.50 -21.38
N ALA A 18 -11.04 -2.53 -21.53
CA ALA A 18 -10.59 -3.79 -22.10
C ALA A 18 -10.19 -3.60 -23.55
N ASN A 19 -11.00 -2.87 -24.30
CA ASN A 19 -10.72 -2.64 -25.71
C ASN A 19 -9.48 -1.78 -25.90
N ARG A 20 -9.30 -0.82 -25.00
CA ARG A 20 -8.12 0.04 -25.04
C ARG A 20 -6.89 -0.81 -24.81
N PHE A 21 -7.00 -1.72 -23.84
CA PHE A 21 -5.94 -2.67 -23.52
C PHE A 21 -5.60 -3.53 -24.74
N ARG A 22 -6.64 -4.08 -25.36
CA ARG A 22 -6.47 -4.89 -26.55
C ARG A 22 -5.73 -4.11 -27.62
N ALA A 23 -6.17 -2.88 -27.85
CA ALA A 23 -5.51 -1.99 -28.79
C ALA A 23 -4.03 -1.91 -28.48
N LEU A 24 -3.72 -1.62 -27.23
CA LEU A 24 -2.34 -1.52 -26.76
C LEU A 24 -1.54 -2.75 -27.12
N VAL A 25 -2.18 -3.91 -27.02
CA VAL A 25 -1.53 -5.17 -27.35
C VAL A 25 -1.29 -5.29 -28.84
N GLU A 26 -2.34 -5.08 -29.63
CA GLU A 26 -2.27 -5.22 -31.08
C GLU A 26 -1.34 -4.19 -31.72
N ALA A 27 -0.96 -3.17 -30.94
CA ALA A 27 -0.10 -2.11 -31.41
C ALA A 27 1.25 -2.63 -31.92
N ASN A 28 1.84 -1.87 -32.84
CA ASN A 28 3.10 -2.26 -33.46
C ASN A 28 4.24 -2.26 -32.46
N GLU A 29 4.22 -1.30 -31.53
CA GLU A 29 5.28 -1.17 -30.53
C GLU A 29 4.93 -1.91 -29.25
N ILE A 30 5.95 -2.49 -28.61
CA ILE A 30 5.73 -3.33 -27.44
C ILE A 30 5.12 -2.54 -26.29
N LEU A 31 4.20 -3.17 -25.57
CA LEU A 31 3.53 -2.53 -24.44
C LEU A 31 4.23 -2.87 -23.13
N GLN A 32 4.72 -1.85 -22.44
CA GLN A 32 5.30 -2.06 -21.12
C GLN A 32 4.20 -1.92 -20.06
N ILE A 33 4.08 -2.93 -19.21
CA ILE A 33 3.04 -2.96 -18.20
C ILE A 33 3.65 -3.11 -16.81
N PRO A 34 3.80 -1.99 -16.10
CA PRO A 34 4.40 -1.97 -14.75
C PRO A 34 3.46 -2.53 -13.70
N GLY A 35 4.02 -3.24 -12.74
CA GLY A 35 3.25 -3.64 -11.57
C GLY A 35 3.05 -2.45 -10.64
N ALA A 36 1.81 -2.27 -10.18
CA ALA A 36 1.52 -1.27 -9.18
C ALA A 36 0.78 -1.91 -8.02
N HIS A 37 1.45 -2.08 -6.90
CA HIS A 37 0.85 -2.76 -5.76
C HIS A 37 -0.14 -1.89 -4.99
N ASP A 38 -0.11 -0.58 -5.25
CA ASP A 38 -1.03 0.35 -4.62
C ASP A 38 -1.34 1.56 -5.51
N ALA A 39 -2.25 2.41 -5.06
CA ALA A 39 -2.71 3.53 -5.88
C ALA A 39 -1.62 4.58 -6.11
N ALA A 41 1.70 4.03 -6.39
CA ALA A 41 2.54 3.47 -7.44
C ALA A 41 1.85 3.58 -8.79
N ALA A 42 0.53 3.38 -8.78
CA ALA A 42 -0.27 3.49 -10.00
C ALA A 42 -0.22 4.90 -10.58
N LEU A 43 -0.29 5.90 -9.71
CA LEU A 43 -0.26 7.29 -10.13
C LEU A 43 1.11 7.69 -10.69
N VAL A 44 2.16 7.20 -10.07
CA VAL A 44 3.52 7.51 -10.52
C VAL A 44 3.80 6.89 -11.89
N ALA A 45 3.31 5.67 -12.09
CA ALA A 45 3.49 4.98 -13.35
C ALA A 45 2.83 5.75 -14.48
N ARG A 46 1.58 6.15 -14.27
CA ARG A 46 0.82 6.93 -15.24
C ARG A 46 1.59 8.18 -15.60
N ASN A 47 1.99 8.93 -14.57
CA ASN A 47 2.75 10.15 -14.76
C ASN A 47 4.10 9.90 -15.42
N THR A 48 4.62 8.69 -15.28
CA THR A 48 5.87 8.31 -15.93
C THR A 48 5.61 7.94 -17.40
N GLY A 49 4.34 7.73 -17.74
CA GLY A 49 3.96 7.56 -19.14
C GLY A 49 3.61 6.16 -19.57
N PHE A 50 3.31 5.30 -18.60
CA PHE A 50 2.89 3.94 -18.92
C PHE A 50 1.39 3.90 -19.16
N LEU A 51 0.96 3.03 -20.06
CA LEU A 51 -0.40 3.05 -20.59
C LEU A 51 -1.25 1.88 -20.11
N ALA A 52 -0.67 1.05 -19.26
CA ALA A 52 -1.36 -0.10 -18.70
C ALA A 52 -0.64 -0.44 -17.41
N LEU A 53 -1.35 -1.09 -16.49
CA LEU A 53 -0.78 -1.42 -15.20
C LEU A 53 -1.00 -2.88 -14.86
N TYR A 54 -0.18 -3.40 -13.96
CA TYR A 54 -0.25 -4.80 -13.57
C TYR A 54 -0.42 -4.93 -12.07
N LEU A 55 -1.35 -5.79 -11.67
CA LEU A 55 -1.48 -6.12 -10.26
C LEU A 55 -1.05 -7.57 -10.05
N SER A 56 0.12 -7.76 -9.45
CA SER A 56 0.66 -9.10 -9.22
C SER A 56 0.30 -9.61 -7.85
N GLY A 57 -0.01 -10.90 -7.76
CA GLY A 57 -0.33 -11.50 -6.47
C GLY A 57 0.85 -11.38 -5.53
N ALA A 58 2.04 -11.53 -6.09
CA ALA A 58 3.28 -11.44 -5.33
C ALA A 58 3.39 -10.11 -4.61
N ALA A 59 3.32 -9.02 -5.38
CA ALA A 59 3.46 -7.68 -4.81
C ALA A 59 2.31 -7.35 -3.88
N TYR A 60 1.11 -7.77 -4.26
CA TYR A 60 -0.06 -7.48 -3.45
C TYR A 60 0.08 -8.10 -2.07
N THR A 61 0.29 -9.40 -2.04
CA THR A 61 0.41 -10.12 -0.79
C THR A 61 1.55 -9.56 0.04
N ALA A 62 2.70 -9.36 -0.60
CA ALA A 62 3.87 -8.81 0.08
C ALA A 62 3.55 -7.46 0.72
N SER A 63 2.74 -6.65 0.04
CA SER A 63 2.28 -5.37 0.59
C SER A 63 1.54 -5.59 1.91
N LYS A 64 0.65 -6.56 1.91
CA LYS A 64 -0.12 -6.89 3.10
C LYS A 64 0.71 -7.66 4.13
N GLY A 65 1.98 -7.91 3.81
CA GLY A 65 2.88 -8.62 4.70
C GLY A 65 2.62 -10.11 4.71
N LEU A 66 2.22 -10.64 3.55
CA LEU A 66 1.85 -12.05 3.43
C LEU A 66 2.72 -12.77 2.40
N PRO A 67 2.81 -14.11 2.50
CA PRO A 67 3.53 -14.84 1.46
C PRO A 67 2.66 -15.10 0.25
N ASP A 68 3.27 -15.25 -0.91
CA ASP A 68 2.54 -15.56 -2.12
C ASP A 68 2.15 -17.03 -2.12
N LEU A 69 1.13 -17.37 -1.34
CA LEU A 69 0.76 -18.77 -1.14
C LEU A 69 -0.74 -19.01 -1.29
N GLY A 70 -1.41 -18.08 -1.97
CA GLY A 70 -2.83 -18.22 -2.25
C GLY A 70 -3.71 -18.22 -1.03
N ILE A 71 -3.51 -17.25 -0.15
CA ILE A 71 -4.32 -17.15 1.07
C ILE A 71 -5.13 -15.86 1.09
N VAL A 72 -4.96 -15.05 0.05
CA VAL A 72 -5.80 -13.88 -0.12
C VAL A 72 -7.04 -14.30 -0.88
N THR A 73 -8.10 -13.48 -0.78
CA THR A 73 -9.37 -13.80 -1.41
C THR A 73 -9.59 -12.94 -2.64
N SER A 74 -10.50 -13.39 -3.49
CA SER A 74 -10.82 -12.68 -4.72
C SER A 74 -11.35 -11.30 -4.41
N THR A 75 -12.07 -11.18 -3.30
CA THR A 75 -12.64 -9.91 -2.86
C THR A 75 -11.56 -8.88 -2.57
N GLU A 76 -10.50 -9.32 -1.90
CA GLU A 76 -9.38 -8.45 -1.56
C GLU A 76 -8.65 -7.96 -2.80
N VAL A 77 -8.37 -8.89 -3.72
CA VAL A 77 -7.66 -8.56 -4.94
C VAL A 77 -8.47 -7.61 -5.82
N ALA A 78 -9.79 -7.84 -5.85
CA ALA A 78 -10.68 -7.00 -6.65
C ALA A 78 -10.80 -5.59 -6.10
N GLU A 79 -10.62 -5.43 -4.79
CA GLU A 79 -10.68 -4.11 -4.17
C GLU A 79 -9.40 -3.30 -4.41
N ARG A 80 -8.24 -3.94 -4.31
CA ARG A 80 -7.00 -3.25 -4.59
C ARG A 80 -6.96 -2.87 -6.06
N ALA A 81 -7.54 -3.72 -6.91
CA ALA A 81 -7.62 -3.45 -8.34
C ALA A 81 -8.52 -2.25 -8.59
N ARG A 82 -9.57 -2.14 -7.78
CA ARG A 82 -10.46 -0.99 -7.81
C ARG A 82 -9.64 0.27 -7.61
N ASP A 83 -8.82 0.24 -6.56
CA ASP A 83 -7.96 1.36 -6.22
C ASP A 83 -7.14 1.83 -7.41
N LEU A 84 -6.63 0.87 -8.17
CA LEU A 84 -5.79 1.18 -9.31
C LEU A 84 -6.55 1.92 -10.39
N VAL A 85 -7.67 1.36 -10.83
CA VAL A 85 -8.48 1.99 -11.87
C VAL A 85 -9.04 3.34 -11.40
N ARG A 86 -9.59 3.36 -10.20
CA ARG A 86 -10.17 4.58 -9.61
C ARG A 86 -9.19 5.73 -9.63
N ALA A 87 -7.90 5.39 -9.58
CA ALA A 87 -6.88 6.40 -9.43
C ALA A 87 -6.32 6.90 -10.76
N THR A 88 -6.30 6.05 -11.77
N THR A 88 -6.33 6.04 -11.77
CA THR A 88 -5.57 6.38 -12.99
CA THR A 88 -5.58 6.32 -12.98
C THR A 88 -6.38 6.27 -14.29
C THR A 88 -6.42 6.33 -14.25
N ASP A 89 -7.49 5.54 -14.26
CA ASP A 89 -8.30 5.31 -15.47
C ASP A 89 -7.48 4.62 -16.55
N LEU A 90 -6.57 3.74 -16.13
CA LEU A 90 -5.77 2.95 -17.05
C LEU A 90 -6.20 1.49 -17.06
N PRO A 91 -6.01 0.81 -18.21
CA PRO A 91 -6.27 -0.62 -18.28
C PRO A 91 -5.36 -1.36 -17.31
N VAL A 92 -5.93 -2.23 -16.50
CA VAL A 92 -5.15 -2.97 -15.53
C VAL A 92 -5.32 -4.47 -15.72
N LEU A 93 -4.21 -5.17 -15.91
CA LEU A 93 -4.18 -6.62 -15.95
C LEU A 93 -3.95 -7.16 -14.55
N VAL A 94 -4.88 -7.99 -14.10
CA VAL A 94 -4.83 -8.52 -12.75
C VAL A 94 -4.52 -10.00 -12.74
N ASP A 95 -3.46 -10.36 -12.02
CA ASP A 95 -3.12 -11.75 -11.78
C ASP A 95 -4.15 -12.35 -10.83
N ILE A 96 -5.01 -13.22 -11.36
CA ILE A 96 -6.02 -13.87 -10.53
C ILE A 96 -5.65 -15.31 -10.17
N ASP A 97 -4.37 -15.63 -10.23
CA ASP A 97 -3.90 -17.00 -9.95
C ASP A 97 -4.65 -18.03 -10.78
N THR A 98 -5.41 -18.90 -10.11
CA THR A 98 -6.17 -19.93 -10.79
C THR A 98 -7.68 -19.69 -10.73
N GLY A 99 -8.08 -18.51 -10.27
CA GLY A 99 -9.48 -18.15 -10.22
C GLY A 99 -10.07 -18.31 -8.83
N PHE A 100 -9.21 -18.62 -7.86
CA PHE A 100 -9.60 -18.73 -6.46
C PHE A 100 -10.68 -19.78 -6.22
N GLY A 101 -10.47 -20.95 -6.80
CA GLY A 101 -11.40 -22.04 -6.62
C GLY A 101 -11.77 -22.71 -7.92
N GLY A 102 -13.01 -23.19 -8.00
CA GLY A 102 -13.47 -23.93 -9.16
C GLY A 102 -14.08 -23.06 -10.24
N VAL A 103 -14.76 -23.71 -11.17
CA VAL A 103 -15.40 -23.03 -12.29
C VAL A 103 -16.33 -21.94 -11.80
N LEU A 104 -17.05 -22.22 -10.71
CA LEU A 104 -17.98 -21.27 -10.16
C LEU A 104 -17.27 -20.10 -9.49
N ASN A 105 -16.19 -20.40 -8.77
CA ASN A 105 -15.36 -19.37 -8.17
C ASN A 105 -14.73 -18.49 -9.24
N VAL A 106 -14.25 -19.13 -10.31
CA VAL A 106 -13.67 -18.41 -11.44
C VAL A 106 -14.71 -17.49 -12.04
N ALA A 107 -15.95 -17.98 -12.09
CA ALA A 107 -17.07 -17.20 -12.62
C ALA A 107 -17.33 -15.95 -11.80
N ARG A 108 -17.26 -16.06 -10.47
CA ARG A 108 -17.50 -14.92 -9.60
C ARG A 108 -16.33 -13.95 -9.61
N THR A 109 -15.12 -14.49 -9.66
CA THR A 109 -13.92 -13.67 -9.77
C THR A 109 -14.01 -12.78 -11.00
N ALA A 110 -14.49 -13.36 -12.10
CA ALA A 110 -14.64 -12.64 -13.35
C ALA A 110 -15.61 -11.47 -13.22
N VAL A 111 -16.71 -11.68 -12.51
CA VAL A 111 -17.70 -10.62 -12.34
C VAL A 111 -17.13 -9.50 -11.49
N GLU A 112 -16.46 -9.87 -10.40
CA GLU A 112 -15.88 -8.91 -9.47
C GLU A 112 -14.85 -8.03 -10.16
N VAL A 114 -14.81 -7.32 -13.45
CA VAL A 114 -15.55 -6.45 -14.36
C VAL A 114 -16.17 -5.30 -13.59
N GLU A 115 -16.68 -5.62 -12.40
CA GLU A 115 -17.23 -4.61 -11.51
C GLU A 115 -16.15 -3.58 -11.13
N ALA A 116 -14.93 -4.06 -10.93
CA ALA A 116 -13.82 -3.17 -10.59
C ALA A 116 -13.29 -2.43 -11.81
N LYS A 117 -13.92 -2.68 -12.96
CA LYS A 117 -13.51 -2.12 -14.25
C LYS A 117 -12.12 -2.59 -14.65
N VAL A 118 -11.77 -3.80 -14.24
CA VAL A 118 -10.52 -4.41 -14.65
C VAL A 118 -10.58 -4.68 -16.15
N ALA A 119 -9.50 -4.37 -16.85
CA ALA A 119 -9.44 -4.54 -18.30
C ALA A 119 -9.10 -5.98 -18.71
N ALA A 120 -8.26 -6.65 -17.92
CA ALA A 120 -7.79 -7.99 -18.27
C ALA A 120 -7.40 -8.79 -17.03
N VAL A 121 -7.45 -10.12 -17.14
CA VAL A 121 -7.05 -10.99 -16.04
C VAL A 121 -6.09 -12.08 -16.50
N GLN A 122 -5.18 -12.46 -15.61
CA GLN A 122 -4.23 -13.53 -15.89
C GLN A 122 -4.53 -14.74 -15.04
N ILE A 123 -4.82 -15.85 -15.70
CA ILE A 123 -5.14 -17.09 -15.02
C ILE A 123 -4.11 -18.15 -15.42
N GLU A 124 -3.77 -19.03 -14.50
CA GLU A 124 -2.69 -19.99 -14.71
C GLU A 124 -3.11 -21.44 -14.54
N ASP A 125 -2.32 -22.35 -15.12
CA ASP A 125 -2.59 -23.78 -15.05
C ASP A 125 -1.89 -24.48 -13.89
N GLN A 126 -1.29 -23.69 -13.00
CA GLN A 126 -0.71 -24.25 -11.78
C GLN A 126 -1.82 -24.88 -10.98
N GLN A 127 -1.47 -25.91 -10.21
CA GLN A 127 -2.46 -26.60 -9.40
C GLN A 127 -2.39 -26.10 -7.97
N LEU A 128 -3.50 -25.53 -7.50
CA LEU A 128 -3.54 -24.91 -6.18
C LEU A 128 -4.79 -25.29 -5.41
N PRO A 129 -4.67 -25.38 -4.07
CA PRO A 129 -3.43 -25.21 -3.31
C PRO A 129 -2.58 -26.48 -3.39
N LYS A 130 -1.35 -26.39 -2.90
CA LYS A 130 -0.44 -27.52 -2.93
C LYS A 130 -0.76 -28.49 -1.80
N LYS A 131 -0.49 -29.77 -2.05
CA LYS A 131 -0.68 -30.80 -1.03
C LYS A 131 0.20 -30.50 0.17
N CYS A 132 -0.36 -30.75 1.36
CA CYS A 132 0.36 -30.57 2.60
C CYS A 132 1.70 -31.29 2.57
N GLY A 133 2.75 -30.63 3.06
CA GLY A 133 4.08 -31.21 3.07
C GLY A 133 4.89 -30.85 1.83
N HIS A 134 4.25 -30.92 0.67
CA HIS A 134 4.90 -30.56 -0.58
C HIS A 134 4.34 -29.24 -1.06
N LEU A 135 4.43 -28.22 -0.22
CA LEU A 135 3.87 -26.92 -0.56
C LEU A 135 4.70 -26.24 -1.64
N ASN A 136 5.92 -26.75 -1.84
CA ASN A 136 6.78 -26.24 -2.91
C ASN A 136 6.56 -27.05 -4.18
N GLY A 137 5.30 -27.35 -4.47
CA GLY A 137 4.93 -28.17 -5.61
C GLY A 137 5.07 -27.44 -6.92
N LYS A 138 5.09 -28.20 -8.00
CA LYS A 138 5.28 -27.64 -9.33
C LYS A 138 4.29 -28.26 -10.30
N LYS A 139 3.41 -29.11 -9.79
CA LYS A 139 2.47 -29.81 -10.64
C LYS A 139 1.43 -28.86 -11.20
N LEU A 140 0.85 -29.23 -12.34
CA LEU A 140 -0.14 -28.41 -13.02
C LEU A 140 -1.45 -29.16 -13.13
N VAL A 141 -2.53 -28.43 -13.38
CA VAL A 141 -3.82 -29.06 -13.64
C VAL A 141 -3.82 -29.55 -15.06
N THR A 142 -4.80 -30.38 -15.40
CA THR A 142 -4.93 -30.87 -16.76
C THR A 142 -5.22 -29.71 -17.68
N THR A 143 -4.95 -29.90 -18.96
CA THR A 143 -5.22 -28.88 -19.96
C THR A 143 -6.70 -28.53 -19.95
N GLU A 144 -7.55 -29.56 -19.88
CA GLU A 144 -9.00 -29.37 -19.85
C GLU A 144 -9.42 -28.55 -18.65
N GLU A 145 -8.72 -28.75 -17.53
CA GLU A 145 -9.06 -28.08 -16.29
C GLU A 145 -9.01 -26.57 -16.43
N LEU A 146 -7.98 -26.05 -17.12
CA LEU A 146 -7.91 -24.62 -17.37
C LEU A 146 -8.86 -24.22 -18.49
N VAL A 147 -9.00 -25.10 -19.48
CA VAL A 147 -9.87 -24.87 -20.62
C VAL A 147 -11.28 -24.52 -20.17
N GLN A 148 -11.81 -25.31 -19.24
CA GLN A 148 -13.14 -25.08 -18.70
C GLN A 148 -13.21 -23.75 -17.96
N LYS A 149 -12.18 -23.44 -17.20
CA LYS A 149 -12.12 -22.18 -16.47
C LYS A 149 -12.14 -20.98 -17.40
N ILE A 150 -11.41 -21.09 -18.52
CA ILE A 150 -11.38 -20.02 -19.51
C ILE A 150 -12.76 -19.85 -20.13
N LYS A 151 -13.39 -20.97 -20.45
CA LYS A 151 -14.74 -20.98 -21.00
C LYS A 151 -15.72 -20.36 -20.02
N ALA A 152 -15.50 -20.59 -18.73
CA ALA A 152 -16.32 -19.97 -17.69
C ALA A 152 -16.22 -18.46 -17.75
N ILE A 153 -15.00 -17.95 -17.94
CA ILE A 153 -14.79 -16.52 -18.05
C ILE A 153 -15.46 -15.95 -19.29
N LYS A 154 -15.18 -16.54 -20.45
CA LYS A 154 -15.78 -16.09 -21.71
C LYS A 154 -17.31 -16.09 -21.63
N GLU A 155 -17.85 -17.00 -20.82
CA GLU A 155 -19.28 -17.11 -20.67
C GLU A 155 -19.87 -15.95 -19.85
N VAL A 156 -19.31 -15.73 -18.67
CA VAL A 156 -19.87 -14.76 -17.73
C VAL A 156 -19.39 -13.34 -18.01
N ALA A 157 -18.16 -13.22 -18.51
CA ALA A 157 -17.55 -11.91 -18.72
C ALA A 157 -16.87 -11.80 -20.07
N PRO A 158 -17.66 -11.65 -21.15
CA PRO A 158 -17.09 -11.60 -22.50
C PRO A 158 -16.33 -10.31 -22.76
N SER A 159 -16.48 -9.33 -21.87
CA SER A 159 -15.82 -8.04 -22.03
C SER A 159 -14.44 -8.05 -21.39
N LEU A 160 -14.02 -9.21 -20.90
CA LEU A 160 -12.76 -9.34 -20.18
C LEU A 160 -11.67 -9.96 -21.05
N TYR A 161 -10.58 -9.23 -21.25
CA TYR A 161 -9.45 -9.72 -22.00
C TYR A 161 -8.73 -10.76 -21.16
N ILE A 162 -8.43 -11.91 -21.75
CA ILE A 162 -7.85 -13.00 -20.98
C ILE A 162 -6.43 -13.31 -21.38
N VAL A 163 -5.53 -13.24 -20.40
CA VAL A 163 -4.17 -13.72 -20.58
C VAL A 163 -4.02 -15.04 -19.83
N ALA A 164 -3.55 -16.07 -20.52
CA ALA A 164 -3.39 -17.38 -19.89
C ALA A 164 -1.93 -17.71 -19.64
N ARG A 165 -1.61 -18.02 -18.39
CA ARG A 165 -0.24 -18.37 -18.01
C ARG A 165 -0.06 -19.87 -17.96
N THR A 166 1.05 -20.37 -18.50
CA THR A 166 1.37 -21.79 -18.38
C THR A 166 2.78 -22.00 -17.86
N ASP A 167 2.93 -22.87 -16.88
CA ASP A 167 4.24 -23.20 -16.34
C ASP A 167 4.74 -24.53 -16.87
N ALA A 168 4.22 -24.93 -18.03
CA ALA A 168 4.45 -26.26 -18.59
C ALA A 168 5.85 -26.47 -19.19
N ARG A 169 6.53 -25.39 -19.55
CA ARG A 169 7.88 -25.51 -20.12
C ARG A 169 8.84 -26.23 -19.18
N GLY A 170 8.96 -25.73 -17.95
CA GLY A 170 9.95 -26.22 -17.03
C GLY A 170 9.58 -27.51 -16.31
N VAL A 171 8.39 -28.04 -16.59
CA VAL A 171 7.95 -29.26 -15.92
C VAL A 171 7.58 -30.37 -16.91
N GLU A 172 7.11 -29.98 -18.09
CA GLU A 172 6.69 -30.96 -19.09
C GLU A 172 7.47 -30.86 -20.40
N GLY A 173 7.90 -29.65 -20.75
CA GLY A 173 8.66 -29.48 -21.97
C GLY A 173 8.07 -28.46 -22.93
N LEU A 174 8.89 -28.03 -23.88
CA LEU A 174 8.52 -26.97 -24.81
C LEU A 174 7.27 -27.28 -25.61
N ASP A 175 7.30 -28.38 -26.36
CA ASP A 175 6.16 -28.76 -27.19
C ASP A 175 4.90 -28.98 -26.37
N GLU A 176 5.09 -29.41 -25.12
CA GLU A 176 3.96 -29.59 -24.21
C GLU A 176 3.30 -28.26 -23.93
N ALA A 177 4.12 -27.25 -23.69
CA ALA A 177 3.62 -25.92 -23.41
C ALA A 177 2.89 -25.37 -24.63
N ILE A 178 3.46 -25.57 -25.81
CA ILE A 178 2.86 -25.10 -27.06
C ILE A 178 1.48 -25.70 -27.24
N GLU A 179 1.36 -26.99 -26.94
N GLU A 179 1.35 -27.00 -26.95
CA GLU A 179 0.08 -27.70 -27.03
CA GLU A 179 0.07 -27.69 -27.04
C GLU A 179 -0.94 -27.10 -26.07
C GLU A 179 -0.95 -27.10 -26.07
N ARG A 180 -0.55 -26.96 -24.81
CA ARG A 180 -1.41 -26.36 -23.79
C ARG A 180 -1.84 -24.98 -24.22
N ALA A 181 -0.87 -24.16 -24.62
CA ALA A 181 -1.10 -22.79 -25.04
C ALA A 181 -2.18 -22.66 -26.12
N ASN A 182 -2.03 -23.42 -27.20
CA ASN A 182 -2.98 -23.35 -28.30
C ASN A 182 -4.37 -23.81 -27.90
N ALA A 183 -4.45 -24.66 -26.88
CA ALA A 183 -5.73 -25.11 -26.37
C ALA A 183 -6.42 -23.99 -25.63
N TYR A 184 -5.65 -23.30 -24.78
CA TYR A 184 -6.17 -22.21 -23.98
C TYR A 184 -6.64 -21.09 -24.90
N VAL A 185 -5.95 -20.91 -26.01
CA VAL A 185 -6.31 -19.88 -26.99
C VAL A 185 -7.65 -20.17 -27.64
N LYS A 186 -7.82 -21.40 -28.12
CA LYS A 186 -9.08 -21.77 -28.76
C LYS A 186 -10.21 -21.77 -27.75
N ALA A 187 -9.87 -21.90 -26.48
CA ALA A 187 -10.85 -21.91 -25.40
C ALA A 187 -11.35 -20.49 -25.14
N GLY A 188 -10.56 -19.49 -25.52
CA GLY A 188 -10.98 -18.12 -25.42
C GLY A 188 -9.92 -17.14 -24.98
N ALA A 189 -8.75 -17.65 -24.58
CA ALA A 189 -7.67 -16.76 -24.16
C ALA A 189 -7.21 -15.89 -25.32
N ASP A 190 -6.91 -14.63 -25.02
CA ASP A 190 -6.54 -13.66 -26.05
C ASP A 190 -5.03 -13.49 -26.15
N ALA A 191 -4.31 -14.00 -25.16
CA ALA A 191 -2.87 -13.84 -25.07
C ALA A 191 -2.25 -14.92 -24.20
N ILE A 192 -0.96 -15.19 -24.41
CA ILE A 192 -0.26 -16.22 -23.64
C ILE A 192 0.96 -15.70 -22.87
N PHE A 193 1.06 -16.13 -21.62
CA PHE A 193 2.20 -15.87 -20.75
C PHE A 193 2.92 -17.21 -20.59
N PRO A 194 3.99 -17.43 -21.37
CA PRO A 194 4.78 -18.67 -21.30
C PRO A 194 5.91 -18.54 -20.29
N GLU A 195 5.67 -18.98 -19.06
CA GLU A 195 6.66 -18.85 -18.01
C GLU A 195 7.96 -19.60 -18.28
N ALA A 196 9.07 -18.88 -18.17
CA ALA A 196 10.39 -19.47 -18.24
C ALA A 196 10.66 -20.28 -19.50
N LEU A 197 10.48 -19.66 -20.66
CA LEU A 197 11.06 -20.21 -21.87
C LEU A 197 12.55 -19.92 -21.76
N GLN A 198 13.37 -20.76 -22.37
CA GLN A 198 14.78 -20.81 -21.97
C GLN A 198 15.81 -20.18 -22.90
N SER A 199 15.37 -19.58 -24.02
CA SER A 199 16.31 -19.00 -24.95
C SER A 199 15.64 -18.14 -26.02
N GLU A 200 16.48 -17.41 -26.75
CA GLU A 200 16.03 -16.66 -27.91
C GLU A 200 15.26 -17.52 -28.91
N GLU A 201 15.79 -18.71 -29.20
CA GLU A 201 15.16 -19.60 -30.16
C GLU A 201 13.85 -20.15 -29.65
N GLU A 202 13.72 -20.33 -28.34
CA GLU A 202 12.47 -20.84 -27.78
C GLU A 202 11.40 -19.78 -27.84
N PHE A 203 11.79 -18.52 -27.63
CA PHE A 203 10.85 -17.41 -27.70
C PHE A 203 10.28 -17.33 -29.10
N ARG A 204 11.16 -17.21 -30.09
CA ARG A 204 10.77 -17.11 -31.49
C ARG A 204 9.97 -18.33 -31.97
N LEU A 205 10.38 -19.51 -31.51
CA LEU A 205 9.69 -20.75 -31.90
C LEU A 205 8.29 -20.81 -31.30
N PHE A 206 8.18 -20.44 -30.03
CA PHE A 206 6.90 -20.47 -29.35
C PHE A 206 5.95 -19.51 -30.04
N ASN A 207 6.44 -18.31 -30.32
CA ASN A 207 5.69 -17.30 -31.05
C ASN A 207 5.22 -17.82 -32.41
N SER A 208 6.07 -18.63 -33.04
CA SER A 208 5.81 -19.13 -34.37
C SER A 208 4.74 -20.21 -34.38
N LYS A 209 4.64 -20.95 -33.27
CA LYS A 209 3.73 -22.08 -33.21
C LYS A 209 2.44 -21.77 -32.46
N VAL A 210 2.35 -20.59 -31.87
CA VAL A 210 1.19 -20.21 -31.08
C VAL A 210 0.45 -19.00 -31.67
N ASN A 211 -0.84 -19.16 -31.89
N ASN A 211 -0.86 -19.15 -31.87
CA ASN A 211 -1.67 -18.12 -32.49
CA ASN A 211 -1.66 -18.10 -32.51
C ASN A 211 -2.22 -17.15 -31.44
C ASN A 211 -2.22 -17.04 -31.57
N ALA A 212 -1.33 -16.35 -30.87
CA ALA A 212 -1.73 -15.33 -29.89
C ALA A 212 -0.58 -14.39 -29.60
N PRO A 213 -0.89 -13.15 -29.18
CA PRO A 213 0.15 -12.26 -28.66
C PRO A 213 0.78 -12.88 -27.43
N LEU A 214 2.06 -12.60 -27.19
CA LEU A 214 2.76 -13.19 -26.06
C LEU A 214 3.20 -12.14 -25.06
N LEU A 215 3.19 -12.53 -23.79
CA LEU A 215 3.61 -11.68 -22.69
C LEU A 215 4.97 -12.14 -22.18
N ALA A 216 5.82 -11.18 -21.85
CA ALA A 216 7.12 -11.46 -21.25
C ALA A 216 7.11 -11.02 -19.81
N ASN A 217 7.64 -11.86 -18.92
CA ASN A 217 7.68 -11.57 -17.49
C ASN A 217 9.02 -11.03 -17.05
N THR A 219 10.47 -9.99 -14.24
CA THR A 219 10.66 -9.91 -12.81
C THR A 219 12.14 -10.10 -12.49
N GLU A 220 12.62 -9.38 -11.47
CA GLU A 220 14.04 -9.36 -11.16
C GLU A 220 14.46 -10.62 -10.42
N PHE A 221 15.73 -11.00 -10.61
CA PHE A 221 16.31 -12.17 -9.95
C PHE A 221 15.55 -13.46 -10.27
N GLY A 222 15.07 -13.58 -11.50
CA GLY A 222 14.31 -14.74 -11.90
C GLY A 222 14.97 -15.51 -13.03
N LYS A 223 14.20 -16.38 -13.67
CA LYS A 223 14.71 -17.28 -14.71
C LYS A 223 14.81 -16.59 -16.06
N THR A 224 14.71 -15.26 -16.06
CA THR A 224 14.74 -14.50 -17.29
C THR A 224 15.80 -13.40 -17.22
N PRO A 225 16.65 -13.31 -18.27
CA PRO A 225 17.70 -12.29 -18.35
C PRO A 225 17.09 -10.92 -18.60
N TYR A 226 17.86 -9.88 -18.33
CA TYR A 226 17.34 -8.53 -18.42
C TYR A 226 17.40 -7.98 -19.84
N TYR A 227 16.54 -8.50 -20.69
CA TYR A 227 16.36 -7.97 -22.02
C TYR A 227 15.60 -6.67 -21.94
N SER A 228 15.86 -5.77 -22.88
CA SER A 228 15.08 -4.55 -22.96
C SER A 228 13.73 -4.88 -23.59
N ALA A 229 12.80 -3.94 -23.54
CA ALA A 229 11.48 -4.14 -24.15
C ALA A 229 11.62 -4.23 -25.67
N GLU A 230 12.54 -3.44 -26.21
CA GLU A 230 12.85 -3.47 -27.64
C GLU A 230 13.36 -4.85 -28.02
N GLU A 231 14.19 -5.42 -27.15
CA GLU A 231 14.70 -6.76 -27.37
C GLU A 231 13.56 -7.78 -27.40
N PHE A 232 12.73 -7.81 -26.36
CA PHE A 232 11.56 -8.69 -26.34
C PHE A 232 10.69 -8.54 -27.58
N ALA A 233 10.57 -7.31 -28.07
CA ALA A 233 9.69 -6.99 -29.19
C ALA A 233 10.08 -7.72 -30.47
N ASN A 234 11.35 -7.63 -30.85
CA ASN A 234 11.77 -8.30 -32.09
C ASN A 234 11.96 -9.79 -31.88
N GLY A 236 9.60 -11.57 -30.46
CA GLY A 236 8.28 -12.15 -30.61
C GLY A 236 7.28 -11.85 -29.51
N PHE A 237 7.53 -10.79 -28.76
CA PHE A 237 6.62 -10.40 -27.67
C PHE A 237 5.94 -9.08 -27.96
N GLN A 238 4.70 -8.93 -27.47
CA GLN A 238 3.92 -7.73 -27.75
C GLN A 238 3.54 -7.00 -26.47
N VAL A 240 5.10 -6.64 -22.06
CA VAL A 240 6.04 -7.08 -21.04
C VAL A 240 5.70 -6.48 -19.68
N ILE A 241 5.72 -7.32 -18.65
CA ILE A 241 5.37 -6.89 -17.31
C ILE A 241 6.60 -6.75 -16.41
N TYR A 242 6.52 -5.79 -15.49
CA TYR A 242 7.52 -5.59 -14.46
C TYR A 242 6.77 -5.64 -13.13
N PRO A 243 6.42 -6.87 -12.69
CA PRO A 243 5.38 -7.15 -11.71
C PRO A 243 5.64 -6.66 -10.29
N VAL A 244 6.86 -6.84 -9.80
CA VAL A 244 7.11 -6.68 -8.37
C VAL A 244 8.06 -5.53 -8.07
N THR A 245 8.55 -4.92 -9.14
CA THR A 245 9.56 -3.87 -9.05
C THR A 245 9.18 -2.76 -8.09
N SER A 246 7.92 -2.32 -8.16
CA SER A 246 7.43 -1.22 -7.33
C SER A 246 7.62 -1.49 -5.84
N LEU A 247 7.36 -2.73 -5.43
CA LEU A 247 7.48 -3.10 -4.02
C LEU A 247 8.93 -3.35 -3.63
N ARG A 248 9.72 -3.86 -4.56
CA ARG A 248 11.13 -4.14 -4.30
C ARG A 248 11.89 -2.87 -3.96
N VAL A 249 11.67 -1.82 -4.73
CA VAL A 249 12.34 -0.54 -4.52
C VAL A 249 11.81 0.18 -3.30
N ALA A 250 10.51 0.03 -3.04
CA ALA A 250 9.88 0.68 -1.91
C ALA A 250 10.38 0.08 -0.60
N ALA A 251 10.47 -1.24 -0.57
CA ALA A 251 10.92 -1.95 0.63
C ALA A 251 12.37 -1.60 0.93
N LYS A 252 13.16 -1.40 -0.13
CA LYS A 252 14.54 -0.99 0.03
C LYS A 252 14.61 0.40 0.65
N ALA A 253 13.70 1.27 0.21
CA ALA A 253 13.67 2.65 0.65
C ALA A 253 13.26 2.80 2.11
N TYR A 254 12.35 1.93 2.56
CA TYR A 254 11.96 1.91 3.96
C TYR A 254 13.20 1.62 4.79
N GLU A 255 13.89 0.54 4.41
CA GLU A 255 15.07 0.04 5.10
C GLU A 255 16.13 1.11 5.30
N ASN A 256 16.43 1.85 4.24
CA ASN A 256 17.46 2.88 4.28
C ASN A 256 17.07 4.08 5.14
N VAL A 257 15.81 4.48 5.08
CA VAL A 257 15.39 5.67 5.79
C VAL A 257 15.10 5.35 7.26
N PHE A 258 14.63 4.13 7.52
CA PHE A 258 14.38 3.70 8.89
C PHE A 258 15.70 3.47 9.62
N THR A 259 16.65 2.87 8.93
CA THR A 259 18.00 2.69 9.44
C THR A 259 18.55 4.06 9.85
N LEU A 260 18.35 5.03 8.97
CA LEU A 260 18.86 6.38 9.17
C LEU A 260 18.25 7.04 10.39
N ILE A 261 16.93 6.96 10.53
CA ILE A 261 16.25 7.57 11.66
C ILE A 261 16.64 6.91 12.98
N LYS A 262 16.86 5.59 12.94
CA LYS A 262 17.25 4.89 14.15
C LYS A 262 18.70 5.19 14.50
N GLU A 263 19.56 5.21 13.48
CA GLU A 263 20.98 5.43 13.69
C GLU A 263 21.30 6.86 14.07
N THR A 264 20.80 7.80 13.28
CA THR A 264 21.18 9.21 13.42
C THR A 264 20.16 10.01 14.23
N GLY A 265 18.98 9.43 14.43
CA GLY A 265 17.94 10.12 15.18
C GLY A 265 17.13 11.09 14.33
N SER A 266 17.48 11.18 13.05
CA SER A 266 16.83 12.14 12.15
C SER A 266 16.80 11.62 10.72
N GLN A 267 15.85 12.12 9.93
N GLN A 267 15.84 12.10 9.93
CA GLN A 267 15.73 11.74 8.52
CA GLN A 267 15.77 11.71 8.53
C GLN A 267 16.47 12.74 7.65
C GLN A 267 16.44 12.76 7.64
N LYS A 268 17.21 13.63 8.30
CA LYS A 268 18.00 14.69 7.66
C LYS A 268 18.64 14.36 6.30
N ASP A 269 19.32 13.23 6.25
CA ASP A 269 20.18 12.93 5.13
C ASP A 269 19.45 12.27 3.96
N ALA A 270 18.17 11.98 4.15
CA ALA A 270 17.41 11.28 3.12
C ALA A 270 16.36 12.17 2.47
N LEU A 271 16.45 13.47 2.70
CA LEU A 271 15.49 14.43 2.18
C LEU A 271 15.45 14.41 0.65
N SER A 272 16.61 14.17 0.03
CA SER A 272 16.72 14.17 -1.42
C SER A 272 16.10 12.93 -2.04
N ASN A 273 15.93 11.89 -1.21
CA ASN A 273 15.35 10.64 -1.65
C ASN A 273 13.84 10.63 -1.47
N GLN A 275 9.80 12.25 -2.36
CA GLN A 275 8.84 13.02 -3.12
C GLN A 275 8.47 14.24 -2.29
N THR A 276 8.44 15.41 -2.93
CA THR A 276 8.11 16.66 -2.24
C THR A 276 6.60 16.80 -2.03
N ARG A 277 6.21 17.69 -1.11
CA ARG A 277 4.81 17.98 -0.88
C ARG A 277 4.21 18.59 -2.14
N SER A 278 5.06 19.23 -2.93
CA SER A 278 4.65 19.83 -4.19
C SER A 278 4.33 18.73 -5.21
N GLU A 279 5.21 17.75 -5.29
CA GLU A 279 5.02 16.63 -6.19
C GLU A 279 3.83 15.81 -5.74
N LEU A 280 3.66 15.72 -4.43
CA LEU A 280 2.54 15.00 -3.85
C LEU A 280 1.24 15.71 -4.16
N TYR A 281 1.25 17.03 -3.98
CA TYR A 281 0.10 17.90 -4.26
C TYR A 281 -0.45 17.63 -5.65
N GLU A 282 0.42 17.58 -6.63
CA GLU A 282 0.01 17.40 -8.02
C GLU A 282 -0.27 15.93 -8.34
N THR A 283 0.39 15.02 -7.64
CA THR A 283 0.20 13.60 -7.92
C THR A 283 -1.18 13.10 -7.52
N ILE A 284 -1.65 13.51 -6.34
CA ILE A 284 -2.99 13.13 -5.91
C ILE A 284 -4.01 14.19 -6.33
N SER A 285 -3.59 15.08 -7.22
CA SER A 285 -4.46 16.08 -7.85
C SER A 285 -5.22 16.94 -6.84
N TYR A 286 -4.52 17.40 -5.81
CA TYR A 286 -5.15 18.18 -4.76
C TYR A 286 -5.87 19.39 -5.34
N HIS A 287 -5.26 20.02 -6.33
CA HIS A 287 -5.82 21.21 -6.98
C HIS A 287 -7.21 20.99 -7.55
N ASP A 288 -7.42 19.85 -8.18
CA ASP A 288 -8.68 19.58 -8.88
C ASP A 288 -9.86 19.42 -7.92
N PHE A 289 -9.57 19.11 -6.67
CA PHE A 289 -10.61 19.06 -5.65
C PHE A 289 -10.97 20.47 -5.23
N GLU A 290 -9.97 21.33 -5.14
CA GLU A 290 -10.17 22.71 -4.75
C GLU A 290 -11.08 23.41 -5.76
N GLU A 291 -10.79 23.24 -7.04
CA GLU A 291 -11.59 23.87 -8.09
C GLU A 291 -13.00 23.29 -8.12
N LEU A 292 -13.14 22.10 -7.55
CA LEU A 292 -14.45 21.48 -7.43
C LEU A 292 -15.26 22.19 -6.35
N ASP A 293 -14.67 22.31 -5.16
CA ASP A 293 -15.36 22.90 -4.01
C ASP A 293 -15.74 24.36 -4.22
N THR A 294 -14.92 25.09 -4.98
CA THR A 294 -15.18 26.51 -5.20
C THR A 294 -16.15 26.73 -6.35
N GLY A 295 -16.11 25.83 -7.33
CA GLY A 295 -17.05 25.87 -8.43
C GLY A 295 -18.47 25.67 -7.92
N ILE A 296 -18.62 24.77 -6.97
CA ILE A 296 -19.90 24.51 -6.33
C ILE A 296 -20.32 25.69 -5.45
N ALA A 297 -19.32 26.28 -4.78
CA ALA A 297 -19.54 27.36 -3.83
C ALA A 297 -20.19 28.60 -4.46
N LYS A 298 -19.93 28.81 -5.75
CA LYS A 298 -20.40 29.99 -6.44
C LYS A 298 -21.22 29.62 -7.68
N GLN B 11 1.24 -13.09 20.15
CA GLN B 11 0.10 -12.35 19.66
C GLN B 11 -0.62 -11.63 20.81
N SER B 12 -0.20 -10.39 21.05
CA SER B 12 -0.63 -9.64 22.22
C SER B 12 -2.06 -9.13 22.14
N THR B 13 -2.69 -8.94 23.30
N THR B 13 -2.66 -8.91 23.31
CA THR B 13 -4.02 -8.35 23.33
CA THR B 13 -3.99 -8.33 23.40
C THR B 13 -3.91 -6.84 23.22
C THR B 13 -3.90 -6.83 23.20
N GLN B 14 -5.05 -6.20 22.98
CA GLN B 14 -5.10 -4.76 22.78
C GLN B 14 -4.64 -4.04 24.04
N GLU B 15 -5.03 -4.57 25.19
CA GLU B 15 -4.65 -3.96 26.46
C GLU B 15 -3.15 -4.09 26.68
N GLU B 16 -2.58 -5.19 26.19
CA GLU B 16 -1.15 -5.40 26.30
C GLU B 16 -0.40 -4.39 25.44
N LEU B 17 -0.89 -4.18 24.22
CA LEU B 17 -0.23 -3.26 23.31
C LEU B 17 -0.38 -1.82 23.79
N ALA B 18 -1.47 -1.54 24.49
CA ALA B 18 -1.71 -0.19 24.99
C ALA B 18 -0.86 0.08 26.23
N ASN B 19 -0.77 -0.90 27.12
CA ASN B 19 0.00 -0.71 28.34
C ASN B 19 1.48 -0.62 28.08
N ARG B 20 1.93 -1.20 26.97
CA ARG B 20 3.35 -1.17 26.61
C ARG B 20 3.71 0.16 25.99
N PHE B 21 2.84 0.64 25.10
CA PHE B 21 3.01 1.94 24.47
C PHE B 21 3.08 3.02 25.55
N ARG B 22 2.24 2.88 26.57
CA ARG B 22 2.23 3.86 27.66
C ARG B 22 3.51 3.78 28.48
N ALA B 23 4.05 2.58 28.65
CA ALA B 23 5.32 2.42 29.35
C ALA B 23 6.43 3.03 28.51
N LEU B 24 6.34 2.84 27.20
CA LEU B 24 7.31 3.40 26.28
C LEU B 24 7.31 4.92 26.35
N VAL B 25 6.12 5.50 26.54
CA VAL B 25 6.00 6.94 26.67
C VAL B 25 6.63 7.44 27.96
N GLU B 26 6.24 6.85 29.09
N GLU B 26 6.26 6.83 29.08
CA GLU B 26 6.78 7.25 30.38
CA GLU B 26 6.77 7.25 30.38
C GLU B 26 8.26 6.95 30.53
C GLU B 26 8.26 6.94 30.54
N ALA B 27 8.77 6.07 29.67
CA ALA B 27 10.17 5.66 29.71
C ALA B 27 11.13 6.84 29.56
N ASN B 28 12.35 6.66 30.06
CA ASN B 28 13.34 7.72 30.06
C ASN B 28 13.84 8.04 28.66
N GLU B 29 14.06 7.01 27.85
CA GLU B 29 14.48 7.21 26.47
C GLU B 29 13.30 7.63 25.61
N ILE B 30 13.46 8.71 24.86
CA ILE B 30 12.40 9.20 23.99
C ILE B 30 11.99 8.12 22.98
N LEU B 31 10.69 8.01 22.75
CA LEU B 31 10.13 6.97 21.90
C LEU B 31 9.98 7.45 20.47
N GLN B 32 10.69 6.80 19.56
CA GLN B 32 10.59 7.11 18.13
C GLN B 32 9.45 6.34 17.49
N ILE B 33 8.57 7.06 16.80
CA ILE B 33 7.39 6.44 16.20
C ILE B 33 7.31 6.74 14.70
N PRO B 34 7.81 5.82 13.88
CA PRO B 34 7.75 6.02 12.43
C PRO B 34 6.37 5.70 11.88
N GLY B 35 6.00 6.40 10.82
CA GLY B 35 4.75 6.12 10.12
C GLY B 35 4.95 4.93 9.21
N ALA B 36 4.00 4.01 9.25
CA ALA B 36 3.99 2.88 8.34
C ALA B 36 2.66 2.87 7.64
N HIS B 37 2.66 3.19 6.35
CA HIS B 37 1.40 3.30 5.62
C HIS B 37 0.83 1.94 5.20
N ASP B 38 1.68 0.92 5.16
CA ASP B 38 1.19 -0.44 4.96
C ASP B 38 1.99 -1.46 5.75
N ALA B 39 1.68 -2.73 5.55
CA ALA B 39 2.29 -3.79 6.34
C ALA B 39 3.78 -3.94 6.06
N ALA B 41 5.99 -1.66 5.07
CA ALA B 41 6.65 -0.57 5.78
C ALA B 41 6.72 -0.93 7.26
N ALA B 42 5.59 -1.39 7.79
CA ALA B 42 5.49 -1.76 9.19
C ALA B 42 6.50 -2.83 9.55
N LEU B 43 6.61 -3.85 8.71
CA LEU B 43 7.53 -4.95 8.95
C LEU B 43 8.98 -4.49 8.99
N VAL B 44 9.34 -3.60 8.08
CA VAL B 44 10.72 -3.11 8.00
C VAL B 44 11.07 -2.25 9.20
N ALA B 45 10.11 -1.45 9.65
CA ALA B 45 10.28 -0.63 10.84
C ALA B 45 10.58 -1.52 12.04
N ARG B 46 9.93 -2.67 12.10
CA ARG B 46 10.11 -3.62 13.18
C ARG B 46 11.50 -4.22 13.09
N ASN B 47 11.88 -4.66 11.90
CA ASN B 47 13.18 -5.27 11.67
C ASN B 47 14.29 -4.28 11.92
N THR B 48 13.97 -3.00 11.74
CA THR B 48 14.93 -1.93 11.94
C THR B 48 15.16 -1.71 13.43
N GLY B 49 14.14 -1.98 14.23
CA GLY B 49 14.29 -1.93 15.67
C GLY B 49 13.36 -0.97 16.38
N PHE B 50 12.42 -0.39 15.65
CA PHE B 50 11.46 0.52 16.25
C PHE B 50 10.46 -0.23 17.10
N LEU B 51 9.96 0.42 18.15
CA LEU B 51 9.13 -0.24 19.14
C LEU B 51 7.66 0.12 19.04
N ALA B 52 7.34 1.05 18.13
CA ALA B 52 5.98 1.52 17.94
C ALA B 52 5.82 2.07 16.53
N LEU B 53 4.59 2.03 16.03
CA LEU B 53 4.30 2.48 14.67
C LEU B 53 3.23 3.56 14.65
N TYR B 54 3.20 4.35 13.59
CA TYR B 54 2.23 5.41 13.43
C TYR B 54 1.46 5.17 12.15
N LEU B 55 0.14 5.33 12.20
CA LEU B 55 -0.65 5.32 10.98
C LEU B 55 -1.11 6.74 10.67
N SER B 56 -0.50 7.35 9.67
CA SER B 56 -0.78 8.75 9.34
C SER B 56 -1.96 8.90 8.38
N GLY B 57 -2.79 9.89 8.64
CA GLY B 57 -3.94 10.16 7.78
C GLY B 57 -3.50 10.61 6.40
N ALA B 58 -2.47 11.44 6.36
CA ALA B 58 -1.93 11.93 5.10
C ALA B 58 -1.29 10.78 4.31
N ALA B 59 -0.51 9.95 4.98
CA ALA B 59 0.19 8.86 4.31
C ALA B 59 -0.78 7.78 3.83
N TYR B 60 -1.77 7.45 4.66
CA TYR B 60 -2.73 6.43 4.29
C TYR B 60 -3.49 6.83 3.05
N THR B 61 -4.16 7.97 3.13
CA THR B 61 -4.97 8.47 2.03
C THR B 61 -4.16 8.60 0.76
N ALA B 62 -2.96 9.14 0.85
CA ALA B 62 -2.14 9.34 -0.32
C ALA B 62 -1.73 8.00 -0.92
N SER B 63 -1.59 7.00 -0.06
CA SER B 63 -1.24 5.65 -0.51
C SER B 63 -2.39 5.08 -1.32
N LYS B 64 -3.60 5.54 -1.01
CA LYS B 64 -4.78 5.14 -1.76
C LYS B 64 -5.07 6.14 -2.86
N GLY B 65 -4.17 7.10 -3.03
CA GLY B 65 -4.31 8.09 -4.08
C GLY B 65 -5.39 9.11 -3.79
N LEU B 66 -5.57 9.42 -2.51
CA LEU B 66 -6.55 10.41 -2.09
C LEU B 66 -5.85 11.52 -1.33
N PRO B 67 -6.44 12.72 -1.32
CA PRO B 67 -5.90 13.81 -0.50
C PRO B 67 -6.38 13.68 0.95
N ASP B 68 -5.64 14.28 1.88
CA ASP B 68 -6.03 14.28 3.28
C ASP B 68 -7.10 15.34 3.48
N LEU B 69 -8.34 14.99 3.14
CA LEU B 69 -9.45 15.92 3.21
C LEU B 69 -10.60 15.37 4.04
N GLY B 70 -10.35 14.25 4.71
CA GLY B 70 -11.35 13.62 5.55
C GLY B 70 -12.42 12.91 4.75
N ILE B 71 -12.03 12.26 3.66
CA ILE B 71 -12.99 11.55 2.83
C ILE B 71 -12.76 10.05 2.89
N VAL B 72 -11.89 9.61 3.79
CA VAL B 72 -11.75 8.19 4.08
C VAL B 72 -12.60 7.86 5.29
N THR B 73 -13.14 6.65 5.32
CA THR B 73 -14.02 6.26 6.40
C THR B 73 -13.23 5.63 7.53
N SER B 74 -13.84 5.57 8.71
CA SER B 74 -13.19 4.99 9.88
C SER B 74 -12.89 3.53 9.63
N THR B 75 -13.80 2.85 8.93
CA THR B 75 -13.60 1.45 8.58
C THR B 75 -12.34 1.26 7.74
N GLU B 76 -12.14 2.16 6.78
CA GLU B 76 -10.95 2.14 5.92
C GLU B 76 -9.68 2.16 6.75
N VAL B 77 -9.60 3.13 7.65
CA VAL B 77 -8.45 3.31 8.52
C VAL B 77 -8.31 2.12 9.47
N ALA B 78 -9.43 1.67 9.99
CA ALA B 78 -9.46 0.53 10.90
C ALA B 78 -8.86 -0.72 10.27
N GLU B 79 -9.15 -0.95 8.98
CA GLU B 79 -8.68 -2.15 8.29
C GLU B 79 -7.19 -2.08 8.00
N ARG B 80 -6.66 -0.87 7.76
CA ARG B 80 -5.24 -0.70 7.52
C ARG B 80 -4.48 -0.83 8.82
N ALA B 81 -5.02 -0.25 9.88
CA ALA B 81 -4.45 -0.39 11.21
C ALA B 81 -4.40 -1.86 11.59
N ARG B 82 -5.42 -2.61 11.19
CA ARG B 82 -5.49 -4.03 11.44
C ARG B 82 -4.30 -4.74 10.78
N ASP B 83 -4.01 -4.37 9.54
CA ASP B 83 -2.89 -4.94 8.79
C ASP B 83 -1.57 -4.72 9.50
N LEU B 84 -1.38 -3.52 10.04
CA LEU B 84 -0.13 -3.13 10.67
C LEU B 84 0.11 -3.90 11.96
N VAL B 85 -0.91 -3.98 12.80
CA VAL B 85 -0.80 -4.67 14.08
C VAL B 85 -0.58 -6.16 13.86
N ARG B 86 -1.24 -6.72 12.86
CA ARG B 86 -1.11 -8.13 12.54
C ARG B 86 0.31 -8.50 12.09
N ALA B 87 0.91 -7.67 11.25
CA ALA B 87 2.24 -7.93 10.73
C ALA B 87 3.33 -7.91 11.80
N THR B 88 3.19 -7.03 12.79
CA THR B 88 4.29 -6.77 13.71
C THR B 88 4.00 -7.01 15.18
N ASP B 89 2.72 -6.95 15.56
CA ASP B 89 2.33 -7.02 16.97
C ASP B 89 3.00 -5.91 17.79
N LEU B 90 3.09 -4.74 17.18
CA LEU B 90 3.66 -3.57 17.84
C LEU B 90 2.56 -2.61 18.25
N PRO B 91 2.82 -1.80 19.28
CA PRO B 91 1.88 -0.73 19.62
C PRO B 91 1.74 0.22 18.45
N VAL B 92 0.51 0.53 18.07
CA VAL B 92 0.27 1.44 16.95
C VAL B 92 -0.56 2.65 17.38
N LEU B 93 -0.09 3.84 16.99
CA LEU B 93 -0.85 5.07 17.19
C LEU B 93 -1.50 5.48 15.89
N VAL B 94 -2.82 5.60 15.92
CA VAL B 94 -3.59 5.88 14.72
C VAL B 94 -4.20 7.27 14.71
N ASP B 95 -3.86 8.04 13.68
CA ASP B 95 -4.50 9.31 13.42
C ASP B 95 -5.95 9.07 13.01
N ILE B 96 -6.87 9.38 13.91
CA ILE B 96 -8.28 9.20 13.60
C ILE B 96 -8.97 10.52 13.27
N ASP B 97 -8.17 11.54 12.96
CA ASP B 97 -8.72 12.85 12.58
C ASP B 97 -9.56 13.42 13.70
N THR B 98 -10.82 13.75 13.39
CA THR B 98 -11.74 14.26 14.38
C THR B 98 -12.68 13.16 14.86
N GLY B 99 -12.37 11.92 14.48
CA GLY B 99 -13.17 10.77 14.88
C GLY B 99 -14.23 10.41 13.84
N PHE B 100 -14.15 11.07 12.69
CA PHE B 100 -15.06 10.83 11.57
C PHE B 100 -16.52 11.04 11.93
N GLY B 101 -16.83 12.21 12.50
CA GLY B 101 -18.20 12.55 12.81
C GLY B 101 -18.41 12.99 14.24
N GLY B 102 -19.64 12.87 14.73
CA GLY B 102 -19.99 13.34 16.04
C GLY B 102 -19.52 12.43 17.16
N VAL B 103 -19.99 12.72 18.36
CA VAL B 103 -19.64 11.96 19.55
C VAL B 103 -19.89 10.47 19.36
N LEU B 104 -21.04 10.13 18.79
CA LEU B 104 -21.39 8.74 18.57
C LEU B 104 -20.56 8.10 17.47
N ASN B 105 -20.05 8.91 16.56
CA ASN B 105 -19.16 8.42 15.54
C ASN B 105 -17.79 8.16 16.15
N VAL B 106 -17.39 9.05 17.05
CA VAL B 106 -16.15 8.90 17.77
C VAL B 106 -16.16 7.61 18.59
N ALA B 107 -17.29 7.33 19.23
CA ALA B 107 -17.47 6.10 19.99
C ALA B 107 -17.30 4.88 19.11
N ARG B 108 -17.94 4.91 17.95
CA ARG B 108 -17.85 3.81 16.99
C ARG B 108 -16.41 3.63 16.55
N THR B 109 -15.74 4.73 16.25
CA THR B 109 -14.37 4.70 15.78
C THR B 109 -13.47 4.07 16.83
N ALA B 110 -13.73 4.37 18.10
CA ALA B 110 -12.93 3.86 19.20
C ALA B 110 -12.98 2.34 19.30
N VAL B 111 -14.19 1.80 19.37
CA VAL B 111 -14.39 0.36 19.47
C VAL B 111 -13.73 -0.38 18.33
N GLU B 112 -13.93 0.14 17.12
CA GLU B 112 -13.30 -0.42 15.94
C GLU B 112 -11.80 -0.51 16.11
N VAL B 114 -10.11 -0.51 19.00
CA VAL B 114 -9.84 -1.49 20.05
C VAL B 114 -9.95 -2.91 19.49
N GLU B 115 -10.95 -3.13 18.65
CA GLU B 115 -11.09 -4.43 17.99
C GLU B 115 -9.89 -4.72 17.11
N ALA B 116 -9.38 -3.69 16.45
CA ALA B 116 -8.25 -3.83 15.55
C ALA B 116 -6.93 -4.01 16.30
N LYS B 117 -7.00 -3.99 17.63
CA LYS B 117 -5.83 -4.11 18.51
C LYS B 117 -4.94 -2.88 18.48
N VAL B 118 -5.51 -1.73 18.12
CA VAL B 118 -4.77 -0.47 18.12
C VAL B 118 -4.42 -0.05 19.55
N ALA B 119 -3.19 0.36 19.76
CA ALA B 119 -2.73 0.78 21.08
C ALA B 119 -3.22 2.18 21.44
N ALA B 120 -2.97 3.13 20.55
CA ALA B 120 -3.23 4.54 20.84
C ALA B 120 -3.89 5.22 19.66
N VAL B 121 -4.68 6.24 19.94
CA VAL B 121 -5.27 7.04 18.86
C VAL B 121 -4.94 8.50 19.05
N GLN B 122 -4.98 9.24 17.95
CA GLN B 122 -4.76 10.68 17.97
C GLN B 122 -5.95 11.41 17.39
N ILE B 123 -6.52 12.31 18.19
CA ILE B 123 -7.68 13.08 17.76
C ILE B 123 -7.37 14.58 17.80
N GLU B 124 -7.86 15.31 16.81
CA GLU B 124 -7.49 16.73 16.65
C GLU B 124 -8.68 17.68 16.71
N ASP B 125 -8.40 18.93 17.05
CA ASP B 125 -9.45 19.92 17.26
C ASP B 125 -9.79 20.77 16.03
N GLN B 126 -9.26 20.42 14.87
CA GLN B 126 -9.66 21.06 13.64
C GLN B 126 -11.14 20.77 13.38
N GLN B 127 -11.79 21.62 12.61
CA GLN B 127 -13.21 21.39 12.33
C GLN B 127 -13.39 20.69 10.99
N LEU B 128 -14.24 19.66 11.00
CA LEU B 128 -14.55 18.91 9.78
C LEU B 128 -16.03 18.55 9.73
N PRO B 129 -16.63 18.62 8.53
CA PRO B 129 -16.01 19.00 7.25
C PRO B 129 -15.79 20.50 7.13
N LYS B 130 -15.14 20.92 6.05
CA LYS B 130 -14.90 22.34 5.82
C LYS B 130 -15.89 22.91 4.79
N LYS B 131 -16.23 24.17 4.97
CA LYS B 131 -17.27 24.81 4.17
C LYS B 131 -16.83 25.01 2.72
N CYS B 132 -17.80 25.22 1.85
CA CYS B 132 -17.52 25.60 0.47
C CYS B 132 -16.87 26.97 0.46
N GLY B 133 -15.90 27.16 -0.43
CA GLY B 133 -15.18 28.41 -0.52
C GLY B 133 -14.11 28.53 0.55
N HIS B 134 -14.35 27.89 1.68
CA HIS B 134 -13.41 27.93 2.80
C HIS B 134 -12.76 26.56 2.97
N LEU B 135 -12.44 25.94 1.84
CA LEU B 135 -11.75 24.66 1.85
C LEU B 135 -10.42 24.79 2.58
N ASN B 136 -9.65 25.81 2.24
CA ASN B 136 -8.35 26.03 2.87
C ASN B 136 -8.47 26.70 4.25
N GLY B 137 -9.70 26.77 4.76
CA GLY B 137 -9.96 27.38 6.05
C GLY B 137 -9.25 26.68 7.18
N LYS B 138 -8.99 27.40 8.26
CA LYS B 138 -8.21 26.86 9.37
C LYS B 138 -8.82 27.15 10.73
N LYS B 139 -10.13 26.95 10.86
CA LYS B 139 -10.79 27.15 12.14
C LYS B 139 -10.85 25.85 12.93
N LEU B 140 -10.80 25.97 14.25
CA LEU B 140 -10.88 24.82 15.13
C LEU B 140 -12.27 24.71 15.72
N VAL B 141 -12.56 23.57 16.34
CA VAL B 141 -13.82 23.39 17.03
C VAL B 141 -13.75 24.05 18.40
N THR B 142 -14.90 24.26 19.02
CA THR B 142 -14.94 24.79 20.38
C THR B 142 -14.23 23.81 21.29
N THR B 143 -13.64 24.33 22.36
CA THR B 143 -12.89 23.49 23.29
C THR B 143 -13.72 22.33 23.82
N GLU B 144 -14.95 22.59 24.25
CA GLU B 144 -15.78 21.54 24.82
C GLU B 144 -16.10 20.42 23.82
N GLU B 145 -16.23 20.78 22.55
CA GLU B 145 -16.52 19.79 21.52
C GLU B 145 -15.50 18.66 21.52
N LEU B 146 -14.21 19.02 21.59
CA LEU B 146 -13.19 17.98 21.65
C LEU B 146 -13.18 17.30 23.01
N VAL B 147 -13.47 18.07 24.06
CA VAL B 147 -13.56 17.51 25.41
C VAL B 147 -14.64 16.43 25.47
N GLN B 148 -15.79 16.70 24.86
CA GLN B 148 -16.88 15.73 24.80
C GLN B 148 -16.45 14.47 24.06
N LYS B 149 -15.65 14.64 23.01
CA LYS B 149 -15.18 13.50 22.23
C LYS B 149 -14.16 12.66 22.99
N ILE B 150 -13.27 13.31 23.73
CA ILE B 150 -12.29 12.59 24.53
C ILE B 150 -13.02 11.83 25.62
N LYS B 151 -14.03 12.47 26.19
CA LYS B 151 -14.91 11.83 27.17
C LYS B 151 -15.55 10.57 26.61
N ALA B 152 -15.94 10.64 25.34
CA ALA B 152 -16.55 9.50 24.67
C ALA B 152 -15.62 8.31 24.64
N ILE B 153 -14.40 8.54 24.18
CA ILE B 153 -13.39 7.50 24.08
C ILE B 153 -13.07 6.90 25.44
N LYS B 154 -13.05 7.74 26.47
CA LYS B 154 -12.75 7.26 27.82
C LYS B 154 -13.81 6.30 28.31
N GLU B 155 -15.06 6.58 27.98
CA GLU B 155 -16.17 5.82 28.51
C GLU B 155 -16.42 4.56 27.70
N VAL B 156 -16.12 4.63 26.41
CA VAL B 156 -16.40 3.54 25.48
C VAL B 156 -15.20 2.61 25.30
N ALA B 157 -14.00 3.18 25.30
CA ALA B 157 -12.80 2.39 25.11
C ALA B 157 -11.71 2.82 26.10
N PRO B 158 -11.87 2.44 27.37
CA PRO B 158 -10.98 2.88 28.46
C PRO B 158 -9.54 2.44 28.26
N SER B 159 -9.33 1.35 27.54
CA SER B 159 -8.00 0.75 27.39
C SER B 159 -7.22 1.35 26.24
N LEU B 160 -7.78 2.39 25.62
CA LEU B 160 -7.16 3.00 24.45
C LEU B 160 -6.45 4.29 24.82
N TYR B 161 -5.14 4.33 24.55
CA TYR B 161 -4.32 5.50 24.85
C TYR B 161 -4.69 6.68 23.97
N ILE B 162 -4.76 7.86 24.57
CA ILE B 162 -5.32 9.02 23.90
C ILE B 162 -4.32 10.15 23.70
N VAL B 163 -4.10 10.51 22.45
CA VAL B 163 -3.32 11.68 22.13
C VAL B 163 -4.23 12.73 21.52
N ALA B 164 -4.15 13.95 22.04
CA ALA B 164 -4.99 15.04 21.54
C ALA B 164 -4.13 16.07 20.83
N ARG B 165 -4.41 16.30 19.56
CA ARG B 165 -3.66 17.27 18.78
C ARG B 165 -4.36 18.62 18.74
N THR B 166 -3.65 19.67 19.11
CA THR B 166 -4.17 21.03 18.99
C THR B 166 -3.47 21.76 17.87
N ASP B 167 -4.24 22.45 17.04
CA ASP B 167 -3.67 23.31 16.02
C ASP B 167 -3.83 24.76 16.44
N ALA B 168 -3.90 24.97 17.75
CA ALA B 168 -4.26 26.27 18.30
C ALA B 168 -3.17 27.32 18.19
N ARG B 169 -1.90 26.89 18.24
CA ARG B 169 -0.80 27.84 18.19
C ARG B 169 -0.83 28.66 16.91
N GLY B 170 -1.24 28.01 15.83
CA GLY B 170 -1.19 28.61 14.51
C GLY B 170 -2.37 29.48 14.17
N VAL B 171 -3.56 29.12 14.66
CA VAL B 171 -4.75 29.86 14.28
C VAL B 171 -5.32 30.74 15.40
N GLU B 172 -4.96 30.45 16.64
CA GLU B 172 -5.52 31.19 17.78
C GLU B 172 -4.50 31.92 18.64
N GLY B 173 -3.48 31.21 19.10
CA GLY B 173 -2.42 31.81 19.89
C GLY B 173 -1.76 30.78 20.77
N LEU B 174 -0.59 31.12 21.31
CA LEU B 174 0.15 30.19 22.16
C LEU B 174 -0.61 29.92 23.45
N ASP B 175 -1.28 30.95 23.96
CA ASP B 175 -2.00 30.84 25.22
C ASP B 175 -3.17 29.88 25.10
N GLU B 176 -3.99 30.03 24.06
CA GLU B 176 -5.16 29.16 23.92
C GLU B 176 -4.73 27.71 23.68
N ALA B 177 -3.56 27.53 23.09
CA ALA B 177 -3.01 26.19 22.89
C ALA B 177 -2.79 25.49 24.22
N ILE B 178 -2.22 26.23 25.18
CA ILE B 178 -1.99 25.74 26.53
C ILE B 178 -3.30 25.46 27.25
N GLU B 179 -4.26 26.38 27.09
CA GLU B 179 -5.57 26.24 27.71
C GLU B 179 -6.32 25.04 27.15
N ARG B 180 -6.39 24.95 25.83
CA ARG B 180 -7.04 23.83 25.17
C ARG B 180 -6.39 22.51 25.61
N ALA B 181 -5.07 22.45 25.53
CA ALA B 181 -4.33 21.24 25.91
C ALA B 181 -4.66 20.76 27.32
N ASN B 182 -4.56 21.65 28.30
CA ASN B 182 -4.84 21.32 29.68
C ASN B 182 -6.25 20.78 29.90
N ALA B 183 -7.21 21.36 29.18
CA ALA B 183 -8.60 20.91 29.26
C ALA B 183 -8.74 19.52 28.67
N TYR B 184 -8.02 19.28 27.57
CA TYR B 184 -8.04 17.98 26.91
C TYR B 184 -7.46 16.94 27.85
N VAL B 185 -6.39 17.33 28.54
CA VAL B 185 -5.76 16.48 29.54
C VAL B 185 -6.74 16.06 30.61
N LYS B 186 -7.39 17.04 31.24
CA LYS B 186 -8.35 16.77 32.30
C LYS B 186 -9.56 16.00 31.78
N ALA B 187 -9.80 16.08 30.47
CA ALA B 187 -10.92 15.38 29.85
C ALA B 187 -10.61 13.89 29.67
N GLY B 188 -9.34 13.54 29.59
CA GLY B 188 -8.95 12.15 29.44
C GLY B 188 -7.78 11.92 28.51
N ALA B 189 -7.28 12.96 27.87
CA ALA B 189 -6.12 12.82 27.01
C ALA B 189 -4.90 12.42 27.83
N ASP B 190 -4.16 11.45 27.34
CA ASP B 190 -2.99 10.93 28.05
C ASP B 190 -1.75 11.71 27.67
N ALA B 191 -1.77 12.29 26.47
CA ALA B 191 -0.66 13.11 26.00
C ALA B 191 -1.17 14.10 24.97
N ILE B 192 -0.43 15.18 24.74
CA ILE B 192 -0.88 16.16 23.77
C ILE B 192 0.11 16.41 22.65
N PHE B 193 -0.44 16.68 21.48
CA PHE B 193 0.31 16.95 20.27
C PHE B 193 0.07 18.42 19.92
N PRO B 194 1.01 19.29 20.29
CA PRO B 194 0.93 20.72 19.98
C PRO B 194 1.52 21.04 18.62
N GLU B 195 0.67 21.15 17.61
CA GLU B 195 1.14 21.41 16.26
C GLU B 195 1.83 22.76 16.12
N ALA B 196 3.01 22.73 15.50
CA ALA B 196 3.71 23.95 15.07
C ALA B 196 4.01 24.97 16.17
N LEU B 197 4.53 24.51 17.30
CA LEU B 197 5.10 25.44 18.26
C LEU B 197 6.29 26.06 17.56
N GLN B 198 6.53 27.34 17.80
CA GLN B 198 7.40 28.11 16.93
C GLN B 198 8.90 27.98 17.16
N SER B 199 9.30 27.79 18.41
N SER B 199 9.30 27.75 18.40
CA SER B 199 10.72 27.72 18.75
CA SER B 199 10.72 27.68 18.73
C SER B 199 10.94 26.88 20.00
C SER B 199 10.94 26.86 19.99
N GLU B 200 12.20 26.66 20.35
CA GLU B 200 12.55 25.89 21.54
C GLU B 200 12.02 26.60 22.78
N GLU B 201 12.05 27.93 22.75
CA GLU B 201 11.49 28.73 23.82
C GLU B 201 10.03 28.37 24.04
N GLU B 202 9.28 28.26 22.95
CA GLU B 202 7.87 27.90 23.04
C GLU B 202 7.68 26.44 23.45
N PHE B 203 8.64 25.58 23.11
CA PHE B 203 8.58 24.19 23.52
C PHE B 203 8.58 24.12 25.04
N ARG B 204 9.63 24.68 25.64
CA ARG B 204 9.84 24.61 27.08
C ARG B 204 8.70 25.24 27.86
N LEU B 205 8.26 26.42 27.42
CA LEU B 205 7.17 27.13 28.08
C LEU B 205 5.90 26.30 28.09
N PHE B 206 5.57 25.76 26.92
CA PHE B 206 4.40 24.91 26.77
C PHE B 206 4.59 23.70 27.68
N ASN B 207 5.78 23.12 27.63
CA ASN B 207 6.12 21.97 28.45
C ASN B 207 5.92 22.28 29.93
N SER B 208 6.36 23.48 30.33
CA SER B 208 6.27 23.90 31.71
C SER B 208 4.82 24.18 32.08
N LYS B 209 4.01 24.51 31.09
CA LYS B 209 2.64 24.90 31.34
C LYS B 209 1.62 23.80 31.08
N VAL B 210 2.07 22.68 30.53
CA VAL B 210 1.15 21.60 30.18
C VAL B 210 1.38 20.31 30.97
N ASN B 211 0.30 19.86 31.59
CA ASN B 211 0.31 18.79 32.58
C ASN B 211 0.35 17.39 31.95
N ALA B 212 1.22 17.19 30.96
CA ALA B 212 1.19 15.93 30.20
C ALA B 212 2.44 15.68 29.35
N PRO B 213 2.68 14.40 28.98
CA PRO B 213 3.68 14.03 27.98
C PRO B 213 3.40 14.69 26.63
N LEU B 214 4.45 15.07 25.92
CA LEU B 214 4.30 15.78 24.65
C LEU B 214 4.84 15.00 23.46
N LEU B 215 4.16 15.15 22.33
CA LEU B 215 4.55 14.51 21.09
C LEU B 215 5.06 15.54 20.08
N ALA B 216 6.15 15.21 19.42
CA ALA B 216 6.74 16.09 18.42
C ALA B 216 6.49 15.54 17.01
N ASN B 217 6.05 16.42 16.11
CA ASN B 217 5.79 16.02 14.73
C ASN B 217 6.98 16.32 13.84
N THR B 219 7.68 15.90 10.65
CA THR B 219 7.34 15.72 9.24
C THR B 219 8.19 16.66 8.39
N GLU B 220 8.44 16.25 7.15
CA GLU B 220 9.38 16.97 6.31
C GLU B 220 8.78 18.19 5.60
N PHE B 221 9.64 19.15 5.27
CA PHE B 221 9.26 20.34 4.53
C PHE B 221 8.16 21.15 5.20
N GLY B 222 8.13 21.12 6.52
CA GLY B 222 7.09 21.77 7.28
C GLY B 222 7.60 22.91 8.14
N LYS B 223 6.81 23.27 9.14
CA LYS B 223 7.11 24.41 10.01
C LYS B 223 8.09 24.02 11.11
N THR B 224 8.59 22.80 11.06
CA THR B 224 9.45 22.29 12.12
C THR B 224 10.83 21.89 11.61
N PRO B 225 11.88 22.42 12.25
CA PRO B 225 13.28 22.12 11.92
C PRO B 225 13.61 20.65 12.14
N TYR B 226 14.71 20.19 11.56
CA TYR B 226 15.06 18.77 11.60
C TYR B 226 15.86 18.39 12.85
N TYR B 227 15.26 18.60 14.01
CA TYR B 227 15.85 18.23 15.29
C TYR B 227 16.00 16.72 15.39
N SER B 228 17.06 16.27 16.06
CA SER B 228 17.23 14.86 16.32
C SER B 228 16.31 14.44 17.46
N ALA B 229 16.09 13.14 17.60
CA ALA B 229 15.21 12.62 18.63
C ALA B 229 15.71 13.02 20.01
N GLU B 230 17.02 13.02 20.17
CA GLU B 230 17.62 13.33 21.46
C GLU B 230 17.44 14.79 21.82
N GLU B 231 17.41 15.64 20.80
CA GLU B 231 17.22 17.08 21.01
C GLU B 231 15.79 17.36 21.47
N PHE B 232 14.84 16.70 20.82
CA PHE B 232 13.44 16.77 21.25
C PHE B 232 13.30 16.37 22.71
N ALA B 233 14.03 15.34 23.11
CA ALA B 233 14.01 14.87 24.48
C ALA B 233 14.50 15.94 25.43
N ASN B 234 15.62 16.58 25.04
CA ASN B 234 16.20 17.65 25.84
C ASN B 234 15.29 18.89 25.88
N GLY B 236 11.91 18.72 26.01
CA GLY B 236 10.71 18.45 26.77
C GLY B 236 9.85 17.31 26.26
N PHE B 237 10.15 16.82 25.06
CA PHE B 237 9.31 15.81 24.42
C PHE B 237 9.62 14.38 24.88
N GLN B 238 8.58 13.55 24.89
CA GLN B 238 8.73 12.16 25.32
C GLN B 238 8.50 11.20 24.16
N VAL B 240 8.33 11.25 19.40
CA VAL B 240 8.37 11.99 18.16
C VAL B 240 7.93 11.10 17.01
N ILE B 241 7.04 11.62 16.16
CA ILE B 241 6.57 10.85 15.02
C ILE B 241 7.29 11.23 13.73
N TYR B 242 7.29 10.29 12.79
CA TYR B 242 7.81 10.51 11.45
C TYR B 242 6.74 9.99 10.49
N PRO B 243 5.66 10.78 10.32
CA PRO B 243 4.36 10.36 9.80
C PRO B 243 4.34 9.93 8.33
N VAL B 244 4.88 10.75 7.44
CA VAL B 244 4.68 10.53 6.01
C VAL B 244 5.91 9.92 5.35
N THR B 245 6.98 9.80 6.13
CA THR B 245 8.30 9.44 5.60
C THR B 245 8.32 8.20 4.73
N SER B 246 7.66 7.13 5.18
CA SER B 246 7.62 5.88 4.44
C SER B 246 7.09 6.10 3.03
N LEU B 247 6.02 6.89 2.92
CA LEU B 247 5.44 7.16 1.62
C LEU B 247 6.29 8.13 0.81
N ARG B 248 6.91 9.08 1.49
CA ARG B 248 7.75 10.06 0.83
C ARG B 248 8.90 9.38 0.09
N VAL B 249 9.51 8.38 0.71
CA VAL B 249 10.61 7.66 0.09
C VAL B 249 10.11 6.61 -0.90
N ALA B 250 8.91 6.09 -0.66
CA ALA B 250 8.35 5.07 -1.54
C ALA B 250 8.03 5.69 -2.88
N ALA B 251 7.42 6.86 -2.86
CA ALA B 251 7.00 7.55 -4.06
C ALA B 251 8.19 7.82 -4.99
N LYS B 252 9.24 8.43 -4.44
CA LYS B 252 10.39 8.86 -5.23
C LYS B 252 11.10 7.66 -5.86
N ALA B 253 11.08 6.54 -5.15
CA ALA B 253 11.68 5.31 -5.66
C ALA B 253 10.89 4.78 -6.86
N TYR B 254 9.56 4.89 -6.81
CA TYR B 254 8.73 4.53 -7.94
C TYR B 254 9.16 5.38 -9.13
N GLU B 255 9.23 6.69 -8.89
CA GLU B 255 9.54 7.66 -9.93
C GLU B 255 10.83 7.33 -10.63
N ASN B 256 11.87 7.03 -9.84
CA ASN B 256 13.18 6.76 -10.39
C ASN B 256 13.26 5.45 -11.18
N VAL B 257 12.62 4.41 -10.66
CA VAL B 257 12.68 3.13 -11.34
C VAL B 257 11.78 3.10 -12.56
N PHE B 258 10.62 3.76 -12.47
CA PHE B 258 9.68 3.80 -13.58
C PHE B 258 10.25 4.60 -14.75
N THR B 259 10.90 5.71 -14.42
CA THR B 259 11.54 6.53 -15.44
C THR B 259 12.63 5.72 -16.10
N LEU B 260 13.37 4.98 -15.27
CA LEU B 260 14.43 4.12 -15.76
C LEU B 260 13.86 3.11 -16.75
N ILE B 261 12.78 2.43 -16.37
CA ILE B 261 12.17 1.43 -17.24
C ILE B 261 11.61 2.07 -18.50
N LYS B 262 10.94 3.20 -18.33
CA LYS B 262 10.30 3.89 -19.45
C LYS B 262 11.31 4.35 -20.49
N GLU B 263 12.46 4.82 -20.02
CA GLU B 263 13.40 5.50 -20.91
C GLU B 263 14.63 4.66 -21.29
N THR B 264 14.93 3.63 -20.51
CA THR B 264 16.03 2.71 -20.83
C THR B 264 15.48 1.49 -21.53
N GLY B 265 14.25 1.13 -21.18
CA GLY B 265 13.64 -0.09 -21.66
C GLY B 265 13.89 -1.21 -20.67
N SER B 266 14.62 -0.91 -19.60
CA SER B 266 14.99 -1.93 -18.63
C SER B 266 15.35 -1.40 -17.24
N GLN B 267 15.21 -2.28 -16.24
CA GLN B 267 15.44 -1.93 -14.85
C GLN B 267 16.80 -2.39 -14.31
N LYS B 268 17.69 -2.81 -15.21
CA LYS B 268 19.01 -3.34 -14.84
C LYS B 268 19.77 -2.46 -13.86
N ASP B 269 19.72 -1.15 -14.07
N ASP B 269 19.68 -1.15 -14.06
CA ASP B 269 20.50 -0.20 -13.30
CA ASP B 269 20.49 -0.20 -13.31
C ASP B 269 20.06 -0.16 -11.83
C ASP B 269 19.93 0.12 -11.93
N ALA B 270 18.80 -0.49 -11.60
CA ALA B 270 18.18 -0.32 -10.28
C ALA B 270 18.28 -1.55 -9.40
N LEU B 271 19.03 -2.55 -9.86
CA LEU B 271 19.14 -3.83 -9.15
C LEU B 271 19.64 -3.66 -7.72
N SER B 272 20.57 -2.72 -7.51
CA SER B 272 21.09 -2.46 -6.18
C SER B 272 20.12 -1.65 -5.31
N ASN B 273 19.13 -1.02 -5.95
CA ASN B 273 18.15 -0.22 -5.21
C ASN B 273 16.90 -1.02 -4.86
N GLN B 275 14.94 -4.55 -2.77
CA GLN B 275 14.89 -5.64 -1.81
C GLN B 275 15.04 -6.95 -2.59
N THR B 276 15.91 -7.83 -2.12
CA THR B 276 16.13 -9.11 -2.79
C THR B 276 14.98 -10.07 -2.50
N ARG B 277 14.91 -11.15 -3.27
CA ARG B 277 13.89 -12.17 -3.03
C ARG B 277 14.15 -12.77 -1.66
N SER B 278 15.42 -12.90 -1.32
CA SER B 278 15.83 -13.48 -0.06
C SER B 278 15.43 -12.64 1.15
N GLU B 279 15.61 -11.33 1.06
CA GLU B 279 15.21 -10.45 2.14
C GLU B 279 13.70 -10.37 2.22
N LEU B 280 13.05 -10.45 1.08
CA LEU B 280 11.61 -10.54 1.04
C LEU B 280 11.16 -11.80 1.77
N TYR B 281 11.75 -12.93 1.37
CA TYR B 281 11.49 -14.22 2.01
C TYR B 281 11.62 -14.12 3.52
N GLU B 282 12.71 -13.49 3.96
CA GLU B 282 12.99 -13.30 5.37
C GLU B 282 11.89 -12.48 6.04
N THR B 283 11.61 -11.32 5.45
CA THR B 283 10.74 -10.31 6.05
C THR B 283 9.31 -10.78 6.27
N ILE B 284 8.77 -11.54 5.32
CA ILE B 284 7.39 -12.02 5.43
C ILE B 284 7.29 -13.35 6.19
N SER B 285 8.43 -13.83 6.71
CA SER B 285 8.49 -15.06 7.49
C SER B 285 7.97 -16.29 6.74
N TYR B 286 8.33 -16.38 5.46
CA TYR B 286 7.91 -17.48 4.60
C TYR B 286 8.26 -18.83 5.20
N HIS B 287 9.36 -18.87 5.96
CA HIS B 287 9.81 -20.08 6.61
C HIS B 287 8.77 -20.61 7.60
N ASP B 288 8.18 -19.71 8.37
CA ASP B 288 7.20 -20.07 9.39
C ASP B 288 6.04 -20.86 8.80
N PHE B 289 5.66 -20.51 7.58
CA PHE B 289 4.56 -21.17 6.90
C PHE B 289 5.00 -22.55 6.40
N GLU B 290 6.26 -22.65 6.00
CA GLU B 290 6.80 -23.94 5.58
C GLU B 290 6.84 -24.87 6.77
N GLU B 291 7.34 -24.38 7.90
CA GLU B 291 7.44 -25.18 9.11
C GLU B 291 6.06 -25.59 9.61
N LEU B 292 5.10 -24.70 9.45
CA LEU B 292 3.73 -25.00 9.83
C LEU B 292 3.17 -26.08 8.92
N ASP B 293 3.30 -25.86 7.63
CA ASP B 293 2.77 -26.78 6.62
C ASP B 293 3.40 -28.16 6.71
N THR B 294 4.73 -28.21 6.77
CA THR B 294 5.45 -29.47 6.82
C THR B 294 5.29 -30.14 8.17
N GLY B 295 5.23 -29.34 9.22
CA GLY B 295 5.09 -29.86 10.57
C GLY B 295 3.79 -30.62 10.76
N ILE B 296 2.79 -30.26 9.97
CA ILE B 296 1.48 -30.90 10.04
C ILE B 296 1.48 -32.17 9.19
N ALA B 297 2.38 -32.23 8.22
CA ALA B 297 2.49 -33.37 7.32
C ALA B 297 2.84 -34.69 8.02
N LYS B 298 3.29 -34.62 9.27
CA LYS B 298 3.60 -35.84 10.03
C LYS B 298 2.34 -36.69 10.21
N THR B 299 2.39 -37.91 9.71
CA THR B 299 1.23 -38.79 9.70
C THR B 299 0.80 -39.17 11.12
#